data_3NEP
#
_entry.id   3NEP
#
_cell.length_a   76.110
_cell.length_b   87.720
_cell.length_c   100.450
_cell.angle_alpha   90.00
_cell.angle_beta   90.00
_cell.angle_gamma   90.00
#
_symmetry.space_group_name_H-M   'I 2 2 2'
#
loop_
_entity.id
_entity.type
_entity.pdbx_description
1 polymer 'Malate dehydrogenase'
2 water water
#
_entity_poly.entity_id   1
_entity_poly.type   'polypeptide(L)'
_entity_poly.pdbx_seq_one_letter_code
;MKVTVIGAGNVGATVAECVARQDVAKEVVMVDIKDGMPQGKALDMRESSPIHGFDTRVTGTNDYGPTEDSDVCIITAGLP
RSPGMSRDDLLAKNTEIVGGVTEQFVEGSPDSTIIVVANPLDVMTYVAYEASGFPTNRVMGMAGVLDTGRFRSFIAEELD
VSVRDVQALLMGGHGDTMVPLPRYTTVGGIPVPQLIDDARIEEIVERTKGAGGEIVDLMGTSAWYAPGAAAAEMTEAILK
DNKRILPCAAYCDGEYGLDDLFIGVPVKLGAGGVEEVIEVDLDADEKAQLKTSAGHVHSNLDDLQRLRDEGKIG
;
_entity_poly.pdbx_strand_id   X
#
# COMPACT_ATOMS: atom_id res chain seq x y z
N MET A 1 -19.20 -3.22 9.54
CA MET A 1 -17.97 -2.43 9.32
C MET A 1 -18.06 -1.60 8.07
N LYS A 2 -17.34 -0.48 8.08
CA LYS A 2 -17.46 0.55 7.07
C LYS A 2 -16.07 0.99 6.61
N VAL A 3 -15.92 1.13 5.29
CA VAL A 3 -14.64 1.45 4.68
C VAL A 3 -14.81 2.70 3.86
N THR A 4 -13.87 3.63 3.99
CA THR A 4 -13.84 4.79 3.14
C THR A 4 -12.63 4.68 2.24
N VAL A 5 -12.83 5.08 0.99
CA VAL A 5 -11.74 5.24 0.04
C VAL A 5 -11.73 6.69 -0.39
N ILE A 6 -10.61 7.36 -0.15
CA ILE A 6 -10.46 8.75 -0.54
C ILE A 6 -9.80 8.75 -1.91
N GLY A 7 -10.48 9.35 -2.89
CA GLY A 7 -10.05 9.30 -4.26
C GLY A 7 -10.83 8.24 -5.04
N ALA A 8 -11.50 8.68 -6.09
CA ALA A 8 -12.34 7.80 -6.88
C ALA A 8 -11.81 7.68 -8.31
N GLY A 9 -10.52 7.90 -8.48
CA GLY A 9 -9.87 7.59 -9.73
C GLY A 9 -9.66 6.10 -9.93
N ASN A 10 -8.84 5.75 -10.92
CA ASN A 10 -8.65 4.33 -11.23
C ASN A 10 -8.23 3.51 -10.02
N VAL A 11 -7.26 3.98 -9.25
CA VAL A 11 -6.82 3.15 -8.13
C VAL A 11 -7.87 3.07 -7.03
N GLY A 12 -8.43 4.21 -6.64
CA GLY A 12 -9.37 4.26 -5.54
C GLY A 12 -10.63 3.45 -5.86
N ALA A 13 -11.13 3.63 -7.05
CA ALA A 13 -12.33 2.89 -7.49
C ALA A 13 -12.05 1.37 -7.50
N THR A 14 -10.85 0.98 -7.88
CA THR A 14 -10.46 -0.42 -7.84
C THR A 14 -10.42 -0.94 -6.41
N VAL A 15 -9.86 -0.15 -5.50
CA VAL A 15 -9.89 -0.56 -4.09
C VAL A 15 -11.34 -0.76 -3.65
N ALA A 16 -12.18 0.22 -3.93
CA ALA A 16 -13.57 0.18 -3.49
C ALA A 16 -14.29 -1.06 -4.04
N GLU A 17 -14.19 -1.28 -5.33
CA GLU A 17 -14.87 -2.39 -5.97
C GLU A 17 -14.33 -3.73 -5.45
N CYS A 18 -13.03 -3.82 -5.25
CA CYS A 18 -12.45 -5.08 -4.75
C CYS A 18 -12.97 -5.34 -3.30
N VAL A 19 -13.00 -4.31 -2.46
CA VAL A 19 -13.50 -4.51 -1.09
C VAL A 19 -15.00 -4.88 -1.13
N ALA A 20 -15.76 -4.23 -1.99
CA ALA A 20 -17.18 -4.50 -2.08
C ALA A 20 -17.42 -5.95 -2.53
N ARG A 21 -16.65 -6.43 -3.49
CA ARG A 21 -16.78 -7.81 -3.99
C ARG A 21 -16.52 -8.86 -2.90
N GLN A 22 -15.67 -8.54 -1.91
CA GLN A 22 -15.36 -9.45 -0.81
C GLN A 22 -16.57 -9.69 0.07
N ASP A 23 -17.49 -8.74 0.04
CA ASP A 23 -18.76 -8.88 0.77
C ASP A 23 -18.53 -9.08 2.26
N VAL A 24 -17.51 -8.42 2.82
CA VAL A 24 -17.22 -8.43 4.25
CA VAL A 24 -17.32 -8.46 4.27
C VAL A 24 -17.72 -7.16 4.94
N ALA A 25 -17.42 -6.02 4.32
CA ALA A 25 -17.86 -4.72 4.86
C ALA A 25 -19.36 -4.49 4.54
N LYS A 26 -20.05 -3.77 5.42
CA LYS A 26 -21.44 -3.39 5.20
C LYS A 26 -21.54 -2.29 4.15
N GLU A 27 -20.56 -1.40 4.19
CA GLU A 27 -20.53 -0.27 3.28
CA GLU A 27 -20.54 -0.24 3.32
C GLU A 27 -19.13 0.19 2.94
N VAL A 28 -18.99 0.61 1.69
CA VAL A 28 -17.80 1.24 1.16
C VAL A 28 -18.19 2.60 0.59
N VAL A 29 -17.49 3.64 1.01
CA VAL A 29 -17.77 5.01 0.59
C VAL A 29 -16.57 5.60 -0.15
N MET A 30 -16.78 6.00 -1.39
CA MET A 30 -15.76 6.73 -2.14
C MET A 30 -16.02 8.21 -2.00
N VAL A 31 -15.00 8.95 -1.60
CA VAL A 31 -15.07 10.38 -1.53
C VAL A 31 -14.01 10.99 -2.46
N ASP A 32 -14.40 12.02 -3.21
CA ASP A 32 -13.49 12.63 -4.19
C ASP A 32 -13.95 14.04 -4.43
N ILE A 33 -13.05 14.92 -4.84
CA ILE A 33 -13.41 16.32 -5.03
C ILE A 33 -14.19 16.57 -6.32
N LYS A 34 -14.10 15.66 -7.29
CA LYS A 34 -14.70 15.89 -8.61
C LYS A 34 -16.18 15.57 -8.60
N ASP A 35 -17.00 16.60 -8.75
N ASP A 35 -17.01 16.59 -8.76
CA ASP A 35 -18.45 16.39 -8.74
CA ASP A 35 -18.45 16.41 -8.73
C ASP A 35 -18.85 15.29 -9.72
C ASP A 35 -18.92 15.35 -9.73
N GLY A 36 -19.70 14.39 -9.25
CA GLY A 36 -20.29 13.38 -10.11
C GLY A 36 -19.50 12.11 -10.34
N MET A 37 -18.19 12.15 -10.23
CA MET A 37 -17.39 10.94 -10.51
C MET A 37 -17.58 9.83 -9.47
N PRO A 38 -17.45 10.15 -8.19
CA PRO A 38 -17.65 9.04 -7.26
C PRO A 38 -19.09 8.58 -7.28
N GLN A 39 -20.01 9.50 -7.52
CA GLN A 39 -21.42 9.12 -7.58
C GLN A 39 -21.67 8.18 -8.74
N GLY A 40 -21.11 8.48 -9.91
CA GLY A 40 -21.36 7.66 -11.09
C GLY A 40 -20.74 6.29 -10.95
N LYS A 41 -19.52 6.27 -10.44
CA LYS A 41 -18.84 4.98 -10.27
C LYS A 41 -19.54 4.10 -9.21
N ALA A 42 -20.00 4.73 -8.12
CA ALA A 42 -20.66 3.99 -7.08
C ALA A 42 -21.97 3.41 -7.57
N LEU A 43 -22.71 4.20 -8.35
CA LEU A 43 -23.96 3.73 -8.93
C LEU A 43 -23.71 2.53 -9.88
N ASP A 44 -22.67 2.62 -10.70
CA ASP A 44 -22.32 1.55 -11.59
C ASP A 44 -21.97 0.29 -10.77
N MET A 45 -21.19 0.47 -9.71
CA MET A 45 -20.87 -0.69 -8.86
C MET A 45 -22.12 -1.27 -8.18
N ARG A 46 -23.04 -0.42 -7.73
CA ARG A 46 -24.24 -0.93 -7.07
C ARG A 46 -25.06 -1.74 -8.09
N GLU A 47 -25.07 -1.28 -9.34
CA GLU A 47 -25.86 -1.95 -10.37
C GLU A 47 -25.22 -3.25 -10.77
N SER A 48 -23.92 -3.40 -10.49
CA SER A 48 -23.23 -4.67 -10.70
C SER A 48 -23.43 -5.66 -9.57
N SER A 49 -23.90 -5.18 -8.41
CA SER A 49 -23.95 -6.01 -7.22
C SER A 49 -24.81 -7.27 -7.34
N PRO A 50 -25.96 -7.24 -8.04
CA PRO A 50 -26.68 -8.49 -8.17
C PRO A 50 -26.05 -9.49 -9.11
N ILE A 51 -25.21 -9.02 -10.03
CA ILE A 51 -24.58 -9.86 -11.03
C ILE A 51 -23.42 -10.58 -10.35
N HIS A 52 -22.58 -9.83 -9.65
CA HIS A 52 -21.50 -10.47 -8.90
C HIS A 52 -21.98 -11.19 -7.63
N GLY A 53 -23.05 -10.66 -7.00
CA GLY A 53 -23.64 -11.24 -5.80
C GLY A 53 -23.07 -10.77 -4.49
N PHE A 54 -22.84 -9.48 -4.36
CA PHE A 54 -22.40 -8.88 -3.09
C PHE A 54 -23.44 -7.91 -2.56
N ASP A 55 -23.53 -7.84 -1.24
CA ASP A 55 -24.45 -6.94 -0.57
C ASP A 55 -23.81 -5.71 0.04
N THR A 56 -22.50 -5.62 0.01
CA THR A 56 -21.82 -4.41 0.44
C THR A 56 -22.41 -3.22 -0.31
N ARG A 57 -22.82 -2.21 0.43
CA ARG A 57 -23.36 -1.00 -0.20
C ARG A 57 -22.22 -0.07 -0.61
N VAL A 58 -22.15 0.29 -1.87
CA VAL A 58 -21.15 1.25 -2.33
C VAL A 58 -21.82 2.61 -2.55
N THR A 59 -21.23 3.63 -1.93
CA THR A 59 -21.68 5.01 -1.95
C THR A 59 -20.60 5.89 -2.53
N GLY A 60 -20.98 6.95 -3.22
CA GLY A 60 -20.01 7.94 -3.67
C GLY A 60 -20.46 9.32 -3.25
N THR A 61 -19.51 10.17 -2.89
CA THR A 61 -19.84 11.48 -2.34
C THR A 61 -18.68 12.44 -2.55
N ASN A 62 -18.96 13.74 -2.43
CA ASN A 62 -17.92 14.77 -2.51
C ASN A 62 -17.65 15.36 -1.15
N ASP A 63 -18.39 14.88 -0.15
CA ASP A 63 -18.32 15.40 1.24
C ASP A 63 -17.89 14.34 2.22
N TYR A 64 -17.44 14.76 3.40
CA TYR A 64 -16.91 13.80 4.36
C TYR A 64 -17.96 13.29 5.34
N GLY A 65 -19.10 13.95 5.42
CA GLY A 65 -20.18 13.45 6.26
C GLY A 65 -20.44 11.96 6.14
N PRO A 66 -20.63 11.46 4.91
CA PRO A 66 -20.93 10.05 4.66
C PRO A 66 -19.80 9.11 4.97
N THR A 67 -18.60 9.63 5.30
CA THR A 67 -17.49 8.74 5.64
C THR A 67 -17.40 8.50 7.12
N GLU A 68 -18.28 9.14 7.87
CA GLU A 68 -18.16 9.12 9.34
C GLU A 68 -18.23 7.72 9.93
N ASP A 69 -17.52 7.51 11.03
CA ASP A 69 -17.53 6.23 11.74
C ASP A 69 -17.02 5.07 10.86
N SER A 70 -16.04 5.36 10.00
CA SER A 70 -15.36 4.34 9.22
C SER A 70 -14.34 3.57 10.03
N ASP A 71 -14.20 2.27 9.74
CA ASP A 71 -13.25 1.40 10.41
C ASP A 71 -11.90 1.36 9.72
N VAL A 72 -11.95 1.46 8.40
CA VAL A 72 -10.76 1.51 7.57
C VAL A 72 -10.85 2.60 6.51
N CYS A 73 -9.73 3.26 6.26
CA CYS A 73 -9.68 4.30 5.25
C CYS A 73 -8.50 4.04 4.37
N ILE A 74 -8.71 4.05 3.06
CA ILE A 74 -7.62 3.94 2.11
C ILE A 74 -7.48 5.24 1.32
N ILE A 75 -6.31 5.87 1.42
CA ILE A 75 -6.11 7.18 0.85
C ILE A 75 -5.35 7.08 -0.46
N THR A 76 -6.01 7.38 -1.57
CA THR A 76 -5.44 7.18 -2.87
C THR A 76 -5.44 8.44 -3.64
N ALA A 77 -5.79 9.53 -2.98
CA ALA A 77 -5.84 10.77 -3.71
C ALA A 77 -4.38 11.20 -3.79
N GLY A 78 -4.01 11.83 -4.89
CA GLY A 78 -2.63 12.15 -5.05
C GLY A 78 -2.25 12.10 -6.50
N LEU A 79 -1.48 13.08 -6.93
CA LEU A 79 -1.04 13.17 -8.32
C LEU A 79 -0.20 11.94 -8.69
N ARG A 87 10.84 16.74 -8.07
CA ARG A 87 10.70 15.96 -6.84
C ARG A 87 10.11 16.81 -5.70
N ASP A 88 10.65 18.01 -5.51
CA ASP A 88 10.15 18.89 -4.48
C ASP A 88 8.70 19.32 -4.74
N ASP A 89 8.37 19.51 -6.02
CA ASP A 89 7.03 19.95 -6.40
C ASP A 89 6.02 18.87 -6.05
N LEU A 90 6.38 17.62 -6.32
CA LEU A 90 5.48 16.50 -6.09
C LEU A 90 5.29 16.27 -4.59
N LEU A 91 6.40 16.28 -3.88
CA LEU A 91 6.39 16.09 -2.45
C LEU A 91 5.49 17.17 -1.81
N ALA A 92 5.64 18.40 -2.28
CA ALA A 92 4.82 19.49 -1.79
C ALA A 92 3.35 19.28 -2.12
N LYS A 93 3.07 18.95 -3.37
CA LYS A 93 1.69 18.81 -3.85
C LYS A 93 0.97 17.67 -3.15
N ASN A 94 1.62 16.51 -3.07
CA ASN A 94 0.99 15.35 -2.45
C ASN A 94 0.93 15.47 -0.94
N THR A 95 1.90 16.13 -0.33
CA THR A 95 1.83 16.41 1.08
C THR A 95 0.57 17.21 1.37
N GLU A 96 0.29 18.18 0.54
CA GLU A 96 -0.89 19.03 0.77
C GLU A 96 -2.16 18.22 0.63
N ILE A 97 -2.23 17.42 -0.42
CA ILE A 97 -3.42 16.63 -0.67
C ILE A 97 -3.61 15.62 0.44
N VAL A 98 -2.60 14.80 0.69
CA VAL A 98 -2.72 13.75 1.70
C VAL A 98 -2.96 14.29 3.11
N GLY A 99 -2.21 15.29 3.54
CA GLY A 99 -2.43 15.88 4.85
C GLY A 99 -3.85 16.43 4.98
N GLY A 100 -4.29 17.14 3.97
CA GLY A 100 -5.61 17.75 3.98
C GLY A 100 -6.74 16.74 4.06
N VAL A 101 -6.74 15.72 3.20
CA VAL A 101 -7.83 14.75 3.19
C VAL A 101 -7.79 13.95 4.49
N THR A 102 -6.59 13.71 5.01
CA THR A 102 -6.49 13.01 6.28
C THR A 102 -7.20 13.78 7.41
N GLU A 103 -6.91 15.08 7.50
CA GLU A 103 -7.55 15.96 8.48
C GLU A 103 -9.05 15.92 8.31
N GLN A 104 -9.50 16.02 7.07
CA GLN A 104 -10.94 16.04 6.82
C GLN A 104 -11.59 14.74 7.27
N PHE A 105 -10.89 13.63 7.05
CA PHE A 105 -11.44 12.31 7.32
C PHE A 105 -11.45 11.96 8.80
N VAL A 106 -10.35 12.18 9.50
CA VAL A 106 -10.23 11.68 10.85
C VAL A 106 -11.18 12.40 11.82
N GLU A 107 -11.63 13.59 11.47
CA GLU A 107 -12.56 14.32 12.35
C GLU A 107 -13.80 13.49 12.62
N GLY A 108 -14.28 12.83 11.56
CA GLY A 108 -15.48 12.01 11.64
C GLY A 108 -15.29 10.52 11.91
N SER A 109 -14.05 10.04 11.84
CA SER A 109 -13.73 8.63 12.04
C SER A 109 -12.51 8.50 12.95
N PRO A 110 -12.65 8.87 14.23
CA PRO A 110 -11.49 8.90 15.14
C PRO A 110 -10.94 7.51 15.49
N ASP A 111 -11.72 6.46 15.25
CA ASP A 111 -11.32 5.10 15.61
C ASP A 111 -10.82 4.30 14.40
N SER A 112 -10.53 4.95 13.29
CA SER A 112 -10.17 4.23 12.05
C SER A 112 -8.70 3.83 11.94
N THR A 113 -8.43 2.97 10.97
CA THR A 113 -7.07 2.59 10.62
C THR A 113 -6.87 3.04 9.18
N ILE A 114 -5.72 3.63 8.89
CA ILE A 114 -5.47 4.27 7.60
C ILE A 114 -4.43 3.51 6.80
N ILE A 115 -4.72 3.33 5.49
CA ILE A 115 -3.80 2.74 4.54
C ILE A 115 -3.57 3.78 3.46
N VAL A 116 -2.33 4.19 3.31
CA VAL A 116 -1.97 5.23 2.37
C VAL A 116 -1.51 4.61 1.03
N VAL A 117 -1.98 5.16 -0.08
CA VAL A 117 -1.53 4.78 -1.43
C VAL A 117 -1.25 6.06 -2.22
N ALA A 118 -0.17 6.75 -1.89
CA ALA A 118 0.18 7.99 -2.59
C ALA A 118 1.68 8.06 -2.53
N ASN A 119 2.29 8.65 -3.54
CA ASN A 119 3.75 8.77 -3.66
C ASN A 119 4.28 10.14 -3.24
N PRO A 120 5.53 10.18 -2.74
CA PRO A 120 6.35 8.99 -2.47
C PRO A 120 5.78 8.29 -1.26
N LEU A 121 5.67 6.98 -1.33
CA LEU A 121 4.82 6.20 -0.44
C LEU A 121 5.25 6.22 1.02
N ASP A 122 6.54 5.99 1.29
CA ASP A 122 6.95 5.96 2.69
C ASP A 122 6.74 7.33 3.36
N VAL A 123 7.05 8.43 2.66
CA VAL A 123 6.91 9.76 3.23
CA VAL A 123 6.91 9.73 3.28
C VAL A 123 5.45 10.18 3.36
N MET A 124 4.62 9.78 2.38
CA MET A 124 3.19 10.07 2.46
C MET A 124 2.54 9.33 3.59
N THR A 125 3.06 8.16 3.93
CA THR A 125 2.55 7.41 5.08
C THR A 125 2.82 8.20 6.38
N TYR A 126 4.02 8.73 6.49
CA TYR A 126 4.32 9.62 7.61
C TYR A 126 3.44 10.90 7.65
N VAL A 127 3.25 11.54 6.50
CA VAL A 127 2.41 12.72 6.40
C VAL A 127 0.99 12.44 6.89
N ALA A 128 0.44 11.31 6.48
CA ALA A 128 -0.87 10.93 6.94
C ALA A 128 -0.84 10.63 8.43
N TYR A 129 0.19 9.96 8.93
CA TYR A 129 0.26 9.65 10.36
C TYR A 129 0.23 10.94 11.17
N GLU A 130 1.03 11.91 10.77
CA GLU A 130 1.10 13.17 11.48
C GLU A 130 -0.21 13.95 11.44
N ALA A 131 -0.92 13.88 10.32
CA ALA A 131 -2.16 14.63 10.18
C ALA A 131 -3.30 13.95 10.92
N SER A 132 -3.16 12.65 11.17
CA SER A 132 -4.22 11.82 11.73
C SER A 132 -4.45 11.99 13.23
N GLY A 133 -3.38 12.22 13.98
CA GLY A 133 -3.47 12.20 15.44
C GLY A 133 -3.64 10.79 16.01
N PHE A 134 -3.42 9.78 15.17
CA PHE A 134 -3.58 8.39 15.58
C PHE A 134 -2.27 7.84 16.10
N PRO A 135 -2.34 6.77 16.87
CA PRO A 135 -1.07 6.10 17.20
C PRO A 135 -0.42 5.44 15.95
N THR A 136 0.86 5.11 16.08
CA THR A 136 1.63 4.61 14.97
C THR A 136 1.08 3.33 14.35
N ASN A 137 0.44 2.48 15.14
CA ASN A 137 -0.04 1.20 14.67
C ASN A 137 -1.24 1.34 13.75
N ARG A 138 -1.85 2.52 13.75
N ARG A 138 -1.87 2.50 13.74
CA ARG A 138 -3.11 2.74 13.03
CA ARG A 138 -3.10 2.65 12.98
C ARG A 138 -2.91 3.35 11.66
C ARG A 138 -2.91 3.44 11.69
N VAL A 139 -1.66 3.61 11.28
CA VAL A 139 -1.37 4.19 9.98
C VAL A 139 -0.28 3.37 9.29
N MET A 140 -0.46 3.09 7.99
CA MET A 140 0.50 2.28 7.23
C MET A 140 0.39 2.65 5.76
N GLY A 141 1.37 2.23 4.96
CA GLY A 141 1.32 2.46 3.51
C GLY A 141 1.30 1.16 2.72
N MET A 142 0.61 1.17 1.57
CA MET A 142 0.64 0.02 0.68
C MET A 142 1.82 0.22 -0.28
N ALA A 143 2.78 -0.70 -0.26
CA ALA A 143 3.77 -0.79 -1.33
C ALA A 143 4.23 -2.23 -1.53
N GLY A 144 4.74 -2.82 -0.45
CA GLY A 144 5.29 -4.17 -0.50
C GLY A 144 4.38 -5.22 -1.10
N VAL A 145 3.09 -5.14 -0.81
CA VAL A 145 2.18 -6.15 -1.34
C VAL A 145 2.09 -6.06 -2.87
N LEU A 146 2.08 -4.85 -3.42
CA LEU A 146 2.15 -4.65 -4.86
C LEU A 146 3.49 -5.13 -5.46
N ASP A 147 4.61 -4.74 -4.82
CA ASP A 147 5.91 -5.14 -5.32
C ASP A 147 6.08 -6.64 -5.30
N THR A 148 5.62 -7.28 -4.24
CA THR A 148 5.73 -8.73 -4.14
C THR A 148 4.78 -9.42 -5.09
N GLY A 149 3.58 -8.88 -5.28
CA GLY A 149 2.67 -9.46 -6.23
C GLY A 149 3.30 -9.46 -7.64
N ARG A 150 3.95 -8.36 -7.97
CA ARG A 150 4.68 -8.25 -9.24
C ARG A 150 5.81 -9.30 -9.35
N PHE A 151 6.69 -9.33 -8.34
CA PHE A 151 7.80 -10.28 -8.31
C PHE A 151 7.28 -11.71 -8.42
N ARG A 152 6.23 -12.06 -7.66
CA ARG A 152 5.69 -13.38 -7.71
C ARG A 152 5.16 -13.69 -9.12
N SER A 153 4.50 -12.72 -9.76
CA SER A 153 3.94 -12.96 -11.05
C SER A 153 5.03 -13.26 -12.08
N PHE A 154 6.16 -12.55 -11.96
CA PHE A 154 7.27 -12.77 -12.89
C PHE A 154 7.91 -14.14 -12.66
N ILE A 155 8.05 -14.54 -11.40
N ILE A 155 8.04 -14.55 -11.40
CA ILE A 155 8.62 -15.84 -11.05
CA ILE A 155 8.63 -15.85 -11.08
C ILE A 155 7.70 -16.95 -11.58
C ILE A 155 7.70 -16.96 -11.56
N ALA A 156 6.40 -16.81 -11.34
CA ALA A 156 5.46 -17.84 -11.75
C ALA A 156 5.47 -17.99 -13.27
N GLU A 157 5.54 -16.88 -13.98
CA GLU A 157 5.64 -16.87 -15.45
C GLU A 157 6.92 -17.55 -15.94
N GLU A 158 8.03 -17.28 -15.26
CA GLU A 158 9.33 -17.84 -15.64
C GLU A 158 9.38 -19.35 -15.46
N LEU A 159 8.79 -19.86 -14.38
CA LEU A 159 8.82 -21.28 -14.10
C LEU A 159 7.62 -22.05 -14.65
N ASP A 160 6.61 -21.32 -15.12
CA ASP A 160 5.31 -21.89 -15.49
C ASP A 160 4.74 -22.69 -14.31
N VAL A 161 4.57 -22.00 -13.19
CA VAL A 161 3.95 -22.57 -11.98
C VAL A 161 2.81 -21.69 -11.52
N SER A 162 1.92 -22.25 -10.71
CA SER A 162 0.80 -21.47 -10.16
C SER A 162 1.28 -20.31 -9.31
N VAL A 163 0.66 -19.16 -9.47
CA VAL A 163 0.94 -18.03 -8.61
C VAL A 163 0.63 -18.34 -7.15
N ARG A 164 -0.24 -19.33 -6.95
CA ARG A 164 -0.66 -19.71 -5.61
CA ARG A 164 -0.66 -19.70 -5.60
C ARG A 164 0.49 -20.31 -4.80
N ASP A 165 1.51 -20.76 -5.50
CA ASP A 165 2.61 -21.47 -4.85
C ASP A 165 3.89 -20.67 -4.81
N VAL A 166 3.83 -19.42 -5.25
CA VAL A 166 5.00 -18.55 -5.19
C VAL A 166 4.82 -17.51 -4.09
N GLN A 167 5.79 -17.41 -3.19
CA GLN A 167 5.75 -16.41 -2.13
C GLN A 167 7.04 -15.65 -2.13
N ALA A 168 6.98 -14.38 -1.74
CA ALA A 168 8.14 -13.53 -1.80
C ALA A 168 8.06 -12.48 -0.72
N LEU A 169 9.22 -12.05 -0.27
CA LEU A 169 9.34 -10.94 0.66
C LEU A 169 10.23 -9.87 0.04
N LEU A 170 9.75 -8.64 0.07
CA LEU A 170 10.47 -7.47 -0.41
C LEU A 170 10.30 -6.37 0.65
N MET A 171 11.34 -5.59 0.89
CA MET A 171 11.32 -4.56 1.90
C MET A 171 11.79 -3.23 1.34
N GLY A 172 11.78 -2.20 2.17
CA GLY A 172 12.33 -0.93 1.76
C GLY A 172 11.30 -0.02 1.18
N GLY A 173 11.73 0.77 0.20
CA GLY A 173 10.83 1.66 -0.56
C GLY A 173 10.43 1.11 -1.93
N HIS A 174 9.92 1.98 -2.80
CA HIS A 174 9.61 1.61 -4.19
C HIS A 174 10.84 1.86 -5.06
N GLY A 175 10.92 1.16 -6.18
CA GLY A 175 11.95 1.43 -7.16
C GLY A 175 13.37 1.10 -6.76
N ASP A 176 14.28 2.02 -7.03
CA ASP A 176 15.69 1.71 -6.82
C ASP A 176 15.99 1.37 -5.37
N THR A 177 15.19 1.88 -4.45
CA THR A 177 15.44 1.66 -3.02
C THR A 177 14.63 0.46 -2.48
N MET A 178 13.94 -0.23 -3.37
CA MET A 178 13.28 -1.45 -2.99
C MET A 178 14.34 -2.49 -2.71
N VAL A 179 14.14 -3.29 -1.67
CA VAL A 179 15.10 -4.30 -1.26
C VAL A 179 14.57 -5.71 -1.50
N PRO A 180 15.07 -6.36 -2.56
N PRO A 180 14.96 -6.32 -2.61
CA PRO A 180 14.63 -7.70 -2.95
CA PRO A 180 14.61 -7.69 -2.99
C PRO A 180 15.30 -8.72 -2.10
C PRO A 180 15.30 -8.73 -2.13
N LEU A 181 14.60 -9.82 -1.84
CA LEU A 181 15.17 -10.89 -1.05
C LEU A 181 14.89 -12.22 -1.73
N PRO A 182 15.59 -12.50 -2.85
CA PRO A 182 15.41 -13.77 -3.55
C PRO A 182 15.57 -15.00 -2.68
N ARG A 183 16.45 -15.00 -1.69
CA ARG A 183 16.54 -16.19 -0.85
C ARG A 183 15.30 -16.37 0.04
N TYR A 184 14.47 -15.34 0.13
CA TYR A 184 13.22 -15.39 0.91
C TYR A 184 12.07 -15.34 -0.09
N THR A 185 12.31 -16.02 -1.22
CA THR A 185 11.32 -16.15 -2.25
C THR A 185 11.28 -17.62 -2.59
N THR A 186 10.11 -18.23 -2.55
CA THR A 186 9.99 -19.67 -2.67
C THR A 186 8.91 -20.10 -3.65
N VAL A 187 9.06 -21.32 -4.15
CA VAL A 187 8.09 -21.92 -5.06
C VAL A 187 7.79 -23.29 -4.48
N GLY A 188 6.58 -23.47 -3.98
CA GLY A 188 6.18 -24.72 -3.37
C GLY A 188 7.11 -25.07 -2.23
N GLY A 189 7.69 -24.03 -1.63
CA GLY A 189 8.53 -24.18 -0.45
C GLY A 189 10.00 -24.21 -0.79
N ILE A 190 10.30 -24.27 -2.07
CA ILE A 190 11.67 -24.40 -2.54
C ILE A 190 12.20 -23.01 -2.82
N PRO A 191 13.33 -22.65 -2.18
CA PRO A 191 13.87 -21.31 -2.44
C PRO A 191 14.13 -21.14 -3.94
N VAL A 192 13.77 -19.98 -4.46
CA VAL A 192 13.84 -19.73 -5.89
CA VAL A 192 13.84 -19.72 -5.89
C VAL A 192 15.29 -19.77 -6.44
N PRO A 193 16.29 -19.44 -5.61
CA PRO A 193 17.62 -19.60 -6.25
C PRO A 193 18.02 -21.03 -6.58
N GLN A 194 17.28 -22.01 -6.07
CA GLN A 194 17.57 -23.40 -6.42
C GLN A 194 17.00 -23.77 -7.79
N LEU A 195 16.10 -22.94 -8.29
CA LEU A 195 15.35 -23.23 -9.50
C LEU A 195 15.69 -22.30 -10.64
N ILE A 196 16.01 -21.05 -10.31
CA ILE A 196 16.32 -20.04 -11.28
C ILE A 196 17.76 -19.60 -11.05
N ASP A 197 18.54 -19.40 -12.10
CA ASP A 197 19.92 -18.97 -11.90
C ASP A 197 20.05 -17.49 -11.63
N ASP A 198 21.21 -17.10 -11.12
CA ASP A 198 21.43 -15.76 -10.61
C ASP A 198 21.14 -14.67 -11.63
N ALA A 199 21.56 -14.85 -12.87
CA ALA A 199 21.41 -13.79 -13.85
C ALA A 199 19.93 -13.57 -14.11
N ARG A 200 19.17 -14.65 -14.20
CA ARG A 200 17.73 -14.52 -14.43
C ARG A 200 16.99 -13.95 -13.23
N ILE A 201 17.41 -14.30 -12.01
CA ILE A 201 16.83 -13.70 -10.82
C ILE A 201 17.10 -12.21 -10.85
N GLU A 202 18.30 -11.79 -11.23
CA GLU A 202 18.60 -10.37 -11.20
C GLU A 202 17.78 -9.62 -12.25
N GLU A 203 17.56 -10.23 -13.41
CA GLU A 203 16.67 -9.66 -14.42
C GLU A 203 15.28 -9.42 -13.82
N ILE A 204 14.78 -10.40 -13.10
CA ILE A 204 13.43 -10.29 -12.55
C ILE A 204 13.38 -9.20 -11.46
N VAL A 205 14.45 -9.09 -10.68
CA VAL A 205 14.52 -8.09 -9.62
C VAL A 205 14.49 -6.71 -10.24
N GLU A 206 15.24 -6.53 -11.33
CA GLU A 206 15.28 -5.24 -11.98
C GLU A 206 13.93 -4.92 -12.62
N ARG A 207 13.26 -5.92 -13.18
CA ARG A 207 11.93 -5.68 -13.73
C ARG A 207 10.95 -5.26 -12.63
N THR A 208 11.06 -5.88 -11.46
CA THR A 208 10.19 -5.54 -10.35
C THR A 208 10.43 -4.10 -9.91
N LYS A 209 11.70 -3.70 -9.86
CA LYS A 209 12.00 -2.34 -9.45
C LYS A 209 11.42 -1.32 -10.39
N GLY A 210 11.37 -1.64 -11.68
CA GLY A 210 10.92 -0.70 -12.68
C GLY A 210 9.51 -0.96 -13.17
N ALA A 211 8.79 -1.82 -12.49
CA ALA A 211 7.52 -2.31 -12.99
C ALA A 211 6.46 -1.20 -13.19
N GLY A 212 6.45 -0.22 -12.32
CA GLY A 212 5.48 0.86 -12.41
C GLY A 212 5.70 1.66 -13.68
N GLY A 213 6.95 2.05 -13.89
CA GLY A 213 7.33 2.77 -15.07
C GLY A 213 7.12 2.01 -16.35
N GLU A 214 7.32 0.69 -16.33
CA GLU A 214 7.09 -0.17 -17.47
C GLU A 214 5.66 -0.03 -17.98
N ILE A 215 4.72 -0.03 -17.06
CA ILE A 215 3.32 0.10 -17.44
C ILE A 215 3.02 1.50 -17.95
N VAL A 216 3.52 2.52 -17.26
CA VAL A 216 3.38 3.89 -17.76
C VAL A 216 3.92 4.03 -19.18
N ASP A 217 5.06 3.38 -19.45
CA ASP A 217 5.68 3.44 -20.77
C ASP A 217 4.84 2.75 -21.82
N LEU A 218 4.13 1.69 -21.45
CA LEU A 218 3.28 0.98 -22.40
C LEU A 218 2.01 1.76 -22.71
N MET A 219 1.29 2.21 -21.67
CA MET A 219 -0.07 2.75 -21.89
C MET A 219 -0.24 4.22 -21.57
N GLY A 220 0.83 4.83 -21.08
CA GLY A 220 0.85 6.26 -20.86
C GLY A 220 0.25 6.79 -19.58
N THR A 221 -0.18 5.88 -18.70
CA THR A 221 -0.68 6.24 -17.36
C THR A 221 -0.35 5.08 -16.40
N SER A 222 -0.45 5.31 -15.11
CA SER A 222 -0.01 4.30 -14.13
C SER A 222 -1.06 3.20 -13.86
N ALA A 223 -0.58 2.12 -13.28
CA ALA A 223 -1.37 0.94 -13.03
C ALA A 223 -2.45 1.16 -12.00
N TRP A 224 -3.47 0.28 -12.05
CA TRP A 224 -4.44 0.27 -10.99
C TRP A 224 -4.99 -1.08 -10.55
N TYR A 225 -5.00 -2.09 -11.42
CA TYR A 225 -5.56 -3.39 -11.03
C TYR A 225 -4.76 -3.99 -9.91
N ALA A 226 -3.45 -4.04 -10.09
CA ALA A 226 -2.65 -4.64 -9.05
C ALA A 226 -2.50 -3.74 -7.80
N PRO A 227 -2.25 -2.42 -7.96
CA PRO A 227 -2.22 -1.56 -6.77
C PRO A 227 -3.53 -1.60 -5.98
N GLY A 228 -4.65 -1.59 -6.68
CA GLY A 228 -5.92 -1.66 -6.00
C GLY A 228 -6.15 -2.97 -5.28
N ALA A 229 -5.80 -4.09 -5.93
CA ALA A 229 -5.92 -5.38 -5.30
C ALA A 229 -5.08 -5.44 -4.04
N ALA A 230 -3.86 -4.86 -4.07
CA ALA A 230 -2.97 -4.94 -2.95
C ALA A 230 -3.54 -4.20 -1.74
N ALA A 231 -4.07 -3.01 -1.96
CA ALA A 231 -4.66 -2.24 -0.84
C ALA A 231 -5.93 -2.90 -0.32
N ALA A 232 -6.69 -3.53 -1.21
CA ALA A 232 -7.86 -4.24 -0.77
C ALA A 232 -7.51 -5.46 0.07
N GLU A 233 -6.40 -6.13 -0.24
CA GLU A 233 -5.97 -7.26 0.56
CA GLU A 233 -5.97 -7.26 0.56
C GLU A 233 -5.62 -6.78 1.97
N MET A 234 -4.92 -5.66 2.05
CA MET A 234 -4.59 -5.11 3.37
C MET A 234 -5.83 -4.69 4.17
N THR A 235 -6.81 -4.13 3.47
CA THR A 235 -8.10 -3.80 4.10
C THR A 235 -8.82 -5.03 4.66
N GLU A 236 -8.90 -6.11 3.87
CA GLU A 236 -9.51 -7.38 4.30
CA GLU A 236 -9.52 -7.34 4.32
C GLU A 236 -8.83 -7.89 5.57
N ALA A 237 -7.51 -7.79 5.65
CA ALA A 237 -6.85 -8.32 6.81
C ALA A 237 -7.27 -7.58 8.07
N ILE A 238 -7.43 -6.26 7.97
CA ILE A 238 -7.87 -5.46 9.11
C ILE A 238 -9.30 -5.82 9.50
N LEU A 239 -10.18 -5.87 8.51
CA LEU A 239 -11.59 -6.17 8.76
C LEU A 239 -11.79 -7.56 9.34
N LYS A 240 -11.03 -8.54 8.87
CA LYS A 240 -11.20 -9.92 9.29
C LYS A 240 -10.37 -10.27 10.53
N ASP A 241 -9.40 -9.43 10.85
CA ASP A 241 -8.47 -9.68 11.95
C ASP A 241 -7.79 -11.01 11.76
N ASN A 242 -7.34 -11.28 10.54
CA ASN A 242 -6.87 -12.61 10.19
C ASN A 242 -5.35 -12.79 10.35
N LYS A 243 -4.65 -11.75 10.77
CA LYS A 243 -3.21 -11.85 11.10
C LYS A 243 -2.33 -12.21 9.88
N ARG A 244 -2.58 -11.56 8.77
CA ARG A 244 -1.73 -11.71 7.59
C ARG A 244 -0.34 -11.20 7.93
N ILE A 245 0.67 -11.83 7.35
CA ILE A 245 2.03 -11.32 7.40
C ILE A 245 2.36 -10.80 6.00
N LEU A 246 2.48 -9.49 5.90
CA LEU A 246 2.60 -8.81 4.61
CA LEU A 246 2.62 -8.82 4.61
C LEU A 246 3.58 -7.66 4.76
N PRO A 247 4.31 -7.35 3.69
CA PRO A 247 5.21 -6.18 3.75
C PRO A 247 4.45 -4.89 3.47
N CYS A 248 4.55 -3.92 4.40
CA CYS A 248 3.86 -2.64 4.26
CA CYS A 248 3.94 -2.63 4.15
C CYS A 248 4.76 -1.55 4.81
N ALA A 249 4.45 -0.31 4.48
CA ALA A 249 5.17 0.81 5.06
C ALA A 249 4.65 0.98 6.48
N ALA A 250 5.48 0.72 7.48
CA ALA A 250 5.02 0.72 8.87
C ALA A 250 6.04 1.38 9.74
N TYR A 251 5.57 1.92 10.86
CA TYR A 251 6.45 2.57 11.83
C TYR A 251 7.33 1.57 12.53
N CYS A 252 8.63 1.79 12.42
CA CYS A 252 9.65 0.97 13.07
C CYS A 252 10.28 1.66 14.28
N ASP A 253 10.24 0.97 15.43
CA ASP A 253 10.90 1.42 16.65
C ASP A 253 11.94 0.40 17.08
N GLY A 254 13.10 0.43 16.42
CA GLY A 254 14.22 -0.41 16.83
C GLY A 254 14.44 -1.59 15.91
N GLU A 255 13.40 -2.04 15.24
CA GLU A 255 13.54 -3.16 14.32
C GLU A 255 14.52 -2.82 13.18
N TYR A 256 15.38 -3.78 12.85
CA TYR A 256 16.36 -3.61 11.78
C TYR A 256 17.31 -2.46 12.08
N GLY A 257 17.30 -2.04 13.33
CA GLY A 257 18.09 -0.90 13.75
C GLY A 257 17.62 0.43 13.17
N LEU A 258 16.37 0.48 12.75
CA LEU A 258 15.86 1.71 12.19
C LEU A 258 15.11 2.35 13.34
N ASP A 259 15.05 3.65 13.44
CA ASP A 259 14.14 4.20 14.44
CA ASP A 259 14.21 4.25 14.46
C ASP A 259 13.43 5.44 13.98
N ASP A 260 12.23 5.59 14.55
CA ASP A 260 11.41 6.74 14.28
C ASP A 260 11.16 6.81 12.78
N LEU A 261 10.77 5.68 12.18
CA LEU A 261 10.68 5.65 10.73
C LEU A 261 9.60 4.74 10.15
N PHE A 262 8.84 5.26 9.17
CA PHE A 262 7.92 4.45 8.38
C PHE A 262 8.65 3.99 7.14
N ILE A 263 8.73 2.67 6.96
CA ILE A 263 9.46 2.07 5.86
CA ILE A 263 9.41 2.10 5.81
C ILE A 263 8.90 0.68 5.59
N GLY A 264 9.15 0.13 4.39
CA GLY A 264 8.61 -1.19 4.06
C GLY A 264 9.23 -2.35 4.82
N VAL A 265 8.40 -2.99 5.65
CA VAL A 265 8.80 -4.11 6.50
C VAL A 265 7.69 -5.14 6.58
N PRO A 266 8.03 -6.39 6.86
CA PRO A 266 6.99 -7.40 7.07
C PRO A 266 6.31 -7.13 8.40
N VAL A 267 4.99 -7.14 8.36
CA VAL A 267 4.21 -6.88 9.56
C VAL A 267 3.11 -7.92 9.71
N LYS A 268 2.61 -8.05 10.95
CA LYS A 268 1.36 -8.75 11.21
C LYS A 268 0.21 -7.75 11.23
N LEU A 269 -0.79 -7.96 10.35
CA LEU A 269 -1.92 -7.05 10.22
C LEU A 269 -3.18 -7.69 10.76
N GLY A 270 -3.92 -6.93 11.54
CA GLY A 270 -5.19 -7.39 12.04
C GLY A 270 -6.02 -6.20 12.50
N ALA A 271 -6.98 -6.44 13.38
CA ALA A 271 -7.89 -5.39 13.83
C ALA A 271 -7.13 -4.26 14.50
N GLY A 272 -5.97 -4.56 15.07
CA GLY A 272 -5.14 -3.56 15.71
C GLY A 272 -4.22 -2.82 14.75
N GLY A 273 -4.49 -2.94 13.45
CA GLY A 273 -3.63 -2.32 12.47
C GLY A 273 -2.33 -3.10 12.37
N VAL A 274 -1.21 -2.39 12.43
CA VAL A 274 0.10 -3.03 12.49
C VAL A 274 0.30 -3.53 13.91
N GLU A 275 0.17 -4.84 14.09
CA GLU A 275 0.21 -5.43 15.41
C GLU A 275 1.63 -5.82 15.82
N GLU A 276 2.48 -6.10 14.85
CA GLU A 276 3.90 -6.45 15.10
C GLU A 276 4.68 -6.09 13.85
N VAL A 277 5.93 -5.66 14.03
CA VAL A 277 6.88 -5.56 12.92
C VAL A 277 7.79 -6.80 13.07
N ILE A 278 7.79 -7.66 12.06
CA ILE A 278 8.56 -8.89 12.13
C ILE A 278 9.99 -8.58 11.70
N GLU A 279 10.98 -9.11 12.41
CA GLU A 279 12.38 -8.91 12.04
C GLU A 279 12.98 -10.15 11.43
N VAL A 280 13.23 -10.08 10.14
CA VAL A 280 13.85 -11.16 9.39
CA VAL A 280 13.86 -11.14 9.37
C VAL A 280 15.36 -10.94 9.39
N ASP A 281 16.10 -12.03 9.24
CA ASP A 281 17.57 -11.94 9.24
C ASP A 281 18.04 -11.35 7.93
N LEU A 282 18.86 -10.31 7.98
CA LEU A 282 19.41 -9.71 6.77
C LEU A 282 20.91 -9.86 6.81
N ASP A 283 21.50 -10.24 5.69
CA ASP A 283 22.94 -10.36 5.61
C ASP A 283 23.58 -9.01 5.34
N ALA A 284 24.91 -8.97 5.24
CA ALA A 284 25.59 -7.69 5.14
C ALA A 284 25.09 -6.84 3.96
N ASP A 285 24.95 -7.46 2.80
CA ASP A 285 24.56 -6.72 1.60
C ASP A 285 23.12 -6.23 1.74
N GLU A 286 22.26 -7.08 2.29
CA GLU A 286 20.85 -6.69 2.46
C GLU A 286 20.72 -5.51 3.44
N LYS A 287 21.50 -5.51 4.52
CA LYS A 287 21.49 -4.42 5.50
C LYS A 287 21.95 -3.14 4.84
N ALA A 288 22.94 -3.26 3.95
CA ALA A 288 23.49 -2.09 3.27
C ALA A 288 22.44 -1.52 2.34
N GLN A 289 21.72 -2.40 1.66
CA GLN A 289 20.62 -1.95 0.79
C GLN A 289 19.53 -1.28 1.61
N LEU A 290 19.21 -1.84 2.77
CA LEU A 290 18.11 -1.28 3.56
C LEU A 290 18.56 0.04 4.14
N LYS A 291 19.85 0.14 4.49
CA LYS A 291 20.36 1.38 5.01
C LYS A 291 20.25 2.49 3.96
N THR A 292 20.58 2.16 2.72
CA THR A 292 20.48 3.09 1.63
C THR A 292 19.02 3.56 1.44
N SER A 293 18.09 2.62 1.44
CA SER A 293 16.68 2.95 1.30
CA SER A 293 16.71 3.01 1.25
C SER A 293 16.19 3.83 2.44
N ALA A 294 16.65 3.55 3.65
CA ALA A 294 16.27 4.38 4.81
C ALA A 294 16.84 5.78 4.64
N GLY A 295 18.07 5.84 4.13
CA GLY A 295 18.70 7.12 3.87
C GLY A 295 17.85 7.95 2.92
N HIS A 296 17.24 7.28 1.95
CA HIS A 296 16.46 7.98 0.93
C HIS A 296 15.14 8.51 1.52
N VAL A 297 14.54 7.72 2.42
CA VAL A 297 13.34 8.17 3.12
C VAL A 297 13.67 9.40 3.98
N HIS A 298 14.79 9.35 4.68
CA HIS A 298 15.16 10.49 5.52
C HIS A 298 15.41 11.73 4.70
N SER A 299 15.99 11.55 3.53
CA SER A 299 16.25 12.65 2.61
C SER A 299 14.93 13.31 2.26
N ASN A 300 13.94 12.49 1.87
CA ASN A 300 12.62 13.02 1.60
C ASN A 300 12.01 13.72 2.81
N LEU A 301 12.16 13.16 4.01
CA LEU A 301 11.64 13.79 5.21
C LEU A 301 12.28 15.14 5.43
N ASP A 302 13.59 15.22 5.16
CA ASP A 302 14.32 16.49 5.24
C ASP A 302 13.76 17.51 4.25
N ASP A 303 13.51 17.06 3.03
CA ASP A 303 12.96 17.93 2.01
C ASP A 303 11.61 18.44 2.46
N LEU A 304 10.81 17.59 3.09
CA LEU A 304 9.52 18.05 3.60
C LEU A 304 9.67 19.31 4.42
N GLN A 305 10.57 19.28 5.40
CA GLN A 305 10.70 20.39 6.34
C GLN A 305 11.28 21.61 5.64
N ARG A 306 12.20 21.40 4.70
CA ARG A 306 12.74 22.51 3.92
C ARG A 306 11.60 23.19 3.13
N LEU A 307 10.79 22.39 2.46
CA LEU A 307 9.65 22.95 1.71
C LEU A 307 8.62 23.66 2.62
N ARG A 308 8.39 23.13 3.83
CA ARG A 308 7.58 23.80 4.85
C ARG A 308 8.19 25.15 5.24
N ASP A 309 9.50 25.14 5.48
CA ASP A 309 10.22 26.36 5.87
C ASP A 309 9.98 27.44 4.79
N GLU A 310 10.02 27.02 3.52
CA GLU A 310 10.02 27.94 2.38
C GLU A 310 8.61 28.37 1.92
N GLY A 311 7.59 27.92 2.67
CA GLY A 311 6.22 28.30 2.40
C GLY A 311 5.64 27.50 1.26
N LYS A 312 6.32 26.43 0.90
CA LYS A 312 5.84 25.59 -0.18
C LYS A 312 5.01 24.40 0.37
#